data_7BJ1
#
_entry.id   7BJ1
#
_cell.length_a   60.909
_cell.length_b   66.050
_cell.length_c   107.277
_cell.angle_alpha   90.000
_cell.angle_beta   90.000
_cell.angle_gamma   90.000
#
_symmetry.space_group_name_H-M   'P 21 21 21'
#
loop_
_entity.id
_entity.type
_entity.pdbx_description
1 polymer 'Histone-lysine N-methyltransferase SMYD3'
2 non-polymer S-ADENOSYLMETHIONINE
3 non-polymer 'Diperodon (S-enantiomer)'
4 non-polymer 'ZINC ION'
5 non-polymer 'ACETATE ION'
6 non-polymer GLYCEROL
7 water water
#
_entity_poly.entity_id   1
_entity_poly.type   'polypeptide(L)'
_entity_poly.pdbx_seq_one_letter_code
;GSHMEPLKVEKFATANRGNGLRAVTPLRPGELLFRSDPLAYTVCKGSRGVVCDRCLLGKEKLMRCSQCRVAKYCSAKCQK
KAWPDHKRECKCLKSCKPRYPPDSVRLLGRVVFKLMDGAPSESEKLYSFYDLESNINKLTEDRKEGLRQLVMTFQHFMRE
EIQDASQLPPAFDLFEAFAKVICNSFTICNAEMQEVGVGLYPSISLLNHSCDPNCSIVFNGPHLLLRAVRDIEVGEELTI
CYLDMLMTSEERRKQLRDQYCFECDCFRCQTQDKDADMLTGDEQVWKEVQESLKKIEELKAHWKWEQVLAMCQAIISSNS
ERLPDINIYQLKVLDCAMDACINLGLLEEALFYGTRTMEPYRIFFPGSHPVRGVQVMKVGKLQLHQGMFPQAMKNLRLAF
DIMRVTHGREHSLIEDLILLLEECDANIRAS
;
_entity_poly.pdbx_strand_id   A
#
# COMPACT_ATOMS: atom_id res chain seq x y z
N PRO A 6 -19.17 11.50 17.40
CA PRO A 6 -18.18 12.56 17.61
C PRO A 6 -16.79 12.17 17.07
N LEU A 7 -16.27 12.96 16.14
CA LEU A 7 -15.01 12.58 15.53
C LEU A 7 -13.84 13.06 16.38
N LYS A 8 -12.76 12.29 16.32
CA LYS A 8 -11.53 12.65 17.00
C LYS A 8 -10.62 13.53 16.14
N VAL A 9 -11.03 13.80 14.89
CA VAL A 9 -10.23 14.52 13.92
C VAL A 9 -11.11 15.54 13.22
N GLU A 10 -10.49 16.59 12.69
CA GLU A 10 -11.22 17.59 11.93
C GLU A 10 -10.35 18.14 10.80
N LYS A 11 -11.00 18.44 9.68
CA LYS A 11 -10.37 19.22 8.61
C LYS A 11 -10.00 20.63 9.08
N PHE A 12 -8.86 21.12 8.60
CA PHE A 12 -8.51 22.53 8.80
C PHE A 12 -7.63 23.01 7.66
N ALA A 13 -7.50 24.33 7.56
CA ALA A 13 -6.64 24.95 6.55
C ALA A 13 -5.26 25.17 7.16
N THR A 14 -4.25 24.50 6.61
CA THR A 14 -2.89 24.69 7.11
C THR A 14 -2.30 25.98 6.58
N ALA A 15 -1.17 26.36 7.16
CA ALA A 15 -0.49 27.57 6.74
C ALA A 15 0.13 27.41 5.35
N ASN A 16 0.76 26.26 5.06
CA ASN A 16 1.43 26.22 3.77
C ASN A 16 1.39 24.88 3.07
N ARG A 17 0.44 24.01 3.40
CA ARG A 17 0.30 22.77 2.67
CA ARG A 17 0.30 22.77 2.65
C ARG A 17 -1.17 22.44 2.42
N GLY A 18 -1.97 23.47 2.15
CA GLY A 18 -3.36 23.27 1.81
C GLY A 18 -4.19 22.84 3.01
N ASN A 19 -5.21 22.04 2.72
CA ASN A 19 -6.02 21.52 3.80
C ASN A 19 -5.29 20.36 4.48
N GLY A 20 -5.68 20.10 5.71
CA GLY A 20 -5.14 18.97 6.45
C GLY A 20 -6.11 18.47 7.51
N LEU A 21 -5.66 17.50 8.32
CA LEU A 21 -6.42 16.95 9.43
C LEU A 21 -5.67 17.21 10.71
N ARG A 22 -6.38 17.59 11.78
CA ARG A 22 -5.78 17.79 13.09
C ARG A 22 -6.62 17.14 14.19
N ALA A 23 -5.98 16.91 15.34
CA ALA A 23 -6.63 16.21 16.45
C ALA A 23 -7.61 17.14 17.16
N VAL A 24 -8.81 16.63 17.40
CA VAL A 24 -9.83 17.33 18.19
C VAL A 24 -9.65 17.06 19.67
N THR A 25 -9.08 15.91 20.02
CA THR A 25 -8.91 15.45 21.38
C THR A 25 -7.51 14.83 21.46
N PRO A 26 -6.92 14.72 22.65
CA PRO A 26 -5.63 14.04 22.74
C PRO A 26 -5.75 12.61 22.28
N LEU A 27 -4.73 12.16 21.56
CA LEU A 27 -4.73 10.83 20.99
C LEU A 27 -3.53 10.05 21.49
N ARG A 28 -3.73 8.75 21.70
CA ARG A 28 -2.73 7.81 22.17
C ARG A 28 -2.32 6.85 21.06
N PRO A 29 -1.11 6.30 21.12
CA PRO A 29 -0.72 5.25 20.16
C PRO A 29 -1.74 4.13 20.09
N GLY A 30 -2.11 3.77 18.85
CA GLY A 30 -3.06 2.70 18.62
C GLY A 30 -4.50 3.15 18.53
N GLU A 31 -4.79 4.41 18.81
CA GLU A 31 -6.17 4.87 18.83
C GLU A 31 -6.72 4.93 17.42
N LEU A 32 -7.91 4.34 17.22
CA LEU A 32 -8.57 4.37 15.92
C LEU A 32 -9.14 5.76 15.65
N LEU A 33 -8.73 6.37 14.55
CA LEU A 33 -9.11 7.74 14.25
C LEU A 33 -10.19 7.85 13.19
N PHE A 34 -10.17 6.95 12.21
CA PHE A 34 -11.13 6.98 11.11
C PHE A 34 -11.03 5.63 10.42
N ARG A 35 -12.14 5.20 9.83
CA ARG A 35 -12.10 4.00 9.01
C ARG A 35 -12.99 4.24 7.80
N SER A 36 -12.65 3.57 6.69
CA SER A 36 -13.29 3.92 5.44
C SER A 36 -13.18 2.79 4.42
N ASP A 37 -14.27 2.52 3.73
CA ASP A 37 -14.22 1.81 2.47
C ASP A 37 -13.81 2.80 1.39
N PRO A 38 -13.33 2.33 0.23
CA PRO A 38 -12.96 3.29 -0.82
C PRO A 38 -14.19 3.91 -1.45
N LEU A 39 -14.02 5.13 -1.94
CA LEU A 39 -14.96 5.66 -2.92
C LEU A 39 -14.96 4.78 -4.16
N ALA A 40 -13.78 4.42 -4.63
CA ALA A 40 -13.61 3.53 -5.76
C ALA A 40 -12.27 2.82 -5.59
N TYR A 41 -12.20 1.56 -6.06
CA TYR A 41 -10.94 0.86 -6.06
C TYR A 41 -10.93 -0.20 -7.15
N THR A 42 -9.73 -0.63 -7.52
CA THR A 42 -9.56 -1.72 -8.46
C THR A 42 -8.31 -2.52 -8.14
N VAL A 43 -8.30 -3.76 -8.63
CA VAL A 43 -7.11 -4.60 -8.53
CA VAL A 43 -7.11 -4.60 -8.52
C VAL A 43 -6.00 -4.02 -9.40
N CYS A 44 -4.75 -4.18 -8.96
CA CYS A 44 -3.59 -3.69 -9.71
CA CYS A 44 -3.66 -3.65 -9.76
C CYS A 44 -3.22 -4.64 -10.84
N LYS A 45 -2.59 -4.07 -11.88
CA LYS A 45 -2.01 -4.75 -13.03
C LYS A 45 -1.52 -6.16 -12.72
N GLY A 46 -0.56 -6.25 -11.81
CA GLY A 46 0.10 -7.52 -11.57
C GLY A 46 -0.72 -8.53 -10.81
N SER A 47 -1.72 -8.09 -10.04
CA SER A 47 -2.54 -8.99 -9.24
C SER A 47 -3.85 -9.35 -9.93
N ARG A 48 -4.12 -8.74 -11.09
CA ARG A 48 -5.33 -9.07 -11.82
C ARG A 48 -5.33 -10.56 -12.17
N GLY A 49 -6.41 -11.25 -11.82
CA GLY A 49 -6.45 -12.68 -12.03
C GLY A 49 -5.74 -13.50 -10.97
N VAL A 50 -5.09 -12.86 -10.00
CA VAL A 50 -4.45 -13.55 -8.89
C VAL A 50 -5.24 -13.38 -7.61
N VAL A 51 -5.82 -12.19 -7.38
CA VAL A 51 -6.64 -11.94 -6.22
C VAL A 51 -8.04 -11.59 -6.67
N CYS A 52 -9.00 -11.75 -5.76
CA CYS A 52 -10.40 -11.44 -6.05
C CYS A 52 -10.59 -9.94 -6.29
N ASP A 53 -11.25 -9.59 -7.39
CA ASP A 53 -11.51 -8.16 -7.63
C ASP A 53 -12.25 -7.49 -6.50
N ARG A 54 -13.09 -8.22 -5.76
CA ARG A 54 -13.83 -7.59 -4.68
C ARG A 54 -13.04 -7.55 -3.37
N CYS A 55 -12.73 -8.72 -2.80
CA CYS A 55 -12.17 -8.75 -1.46
C CYS A 55 -10.65 -8.67 -1.43
N LEU A 56 -9.99 -8.77 -2.59
CA LEU A 56 -8.54 -8.65 -2.74
C LEU A 56 -7.76 -9.75 -2.02
N LEU A 57 -8.36 -10.92 -1.86
CA LEU A 57 -7.70 -12.11 -1.32
C LEU A 57 -7.37 -13.03 -2.49
N GLY A 58 -6.24 -13.72 -2.42
CA GLY A 58 -5.97 -14.71 -3.45
C GLY A 58 -6.73 -16.00 -3.16
N LYS A 59 -7.35 -16.52 -4.14
CA LYS A 59 -7.81 -17.88 -3.93
C LYS A 59 -6.93 -18.66 -4.90
N GLU A 60 -6.82 -19.99 -4.76
CA GLU A 60 -6.08 -20.73 -5.79
C GLU A 60 -6.73 -20.64 -7.16
N LYS A 61 -8.04 -20.80 -7.25
CA LYS A 61 -8.76 -20.71 -8.52
C LYS A 61 -9.82 -19.64 -8.37
N LEU A 62 -9.82 -18.68 -9.29
CA LEU A 62 -10.79 -17.60 -9.30
C LEU A 62 -11.82 -17.83 -10.40
N MET A 63 -13.04 -17.38 -10.14
CA MET A 63 -14.14 -17.42 -11.09
C MET A 63 -14.14 -16.10 -11.87
N ARG A 64 -14.29 -16.18 -13.19
CA ARG A 64 -14.30 -14.95 -13.98
C ARG A 64 -15.72 -14.52 -14.33
N CYS A 65 -15.89 -13.20 -14.50
CA CYS A 65 -17.14 -12.67 -15.04
C CYS A 65 -17.31 -13.21 -16.44
N SER A 66 -18.46 -13.83 -16.70
CA SER A 66 -18.62 -14.42 -18.02
C SER A 66 -18.73 -13.37 -19.11
N GLN A 67 -19.25 -12.19 -18.78
CA GLN A 67 -19.52 -11.19 -19.82
C GLN A 67 -18.24 -10.53 -20.31
N CYS A 68 -17.37 -10.09 -19.39
CA CYS A 68 -16.12 -9.48 -19.84
C CYS A 68 -14.93 -10.42 -19.77
N ARG A 69 -14.96 -11.40 -18.85
CA ARG A 69 -13.85 -12.32 -18.63
C ARG A 69 -12.58 -11.59 -18.19
N VAL A 70 -12.76 -10.41 -17.61
CA VAL A 70 -11.66 -9.65 -17.03
C VAL A 70 -11.77 -9.64 -15.50
N ALA A 71 -12.95 -9.31 -14.99
CA ALA A 71 -13.20 -9.36 -13.57
C ALA A 71 -13.16 -10.80 -13.07
N LYS A 72 -12.43 -11.06 -11.97
CA LYS A 72 -12.35 -12.42 -11.41
C LYS A 72 -12.61 -12.37 -9.91
N TYR A 73 -13.19 -13.46 -9.38
CA TYR A 73 -13.72 -13.45 -8.02
C TYR A 73 -13.38 -14.75 -7.31
N CYS A 74 -13.33 -14.66 -5.97
CA CYS A 74 -13.02 -15.82 -5.13
C CYS A 74 -14.23 -16.71 -4.89
N SER A 75 -15.43 -16.22 -5.18
CA SER A 75 -16.64 -16.84 -4.69
C SER A 75 -17.82 -16.23 -5.42
N ALA A 76 -18.91 -16.98 -5.47
CA ALA A 76 -20.17 -16.43 -5.93
C ALA A 76 -20.58 -15.22 -5.09
N LYS A 77 -20.30 -15.25 -3.78
CA LYS A 77 -20.67 -14.12 -2.92
C LYS A 77 -20.01 -12.85 -3.42
N CYS A 78 -18.69 -12.87 -3.64
CA CYS A 78 -18.04 -11.65 -4.11
C CYS A 78 -18.44 -11.26 -5.53
N GLN A 79 -18.61 -12.23 -6.43
CA GLN A 79 -19.00 -11.87 -7.80
C GLN A 79 -20.35 -11.16 -7.80
N LYS A 80 -21.31 -11.68 -7.04
CA LYS A 80 -22.64 -11.08 -7.01
C LYS A 80 -22.61 -9.73 -6.30
N LYS A 81 -21.94 -9.64 -5.15
CA LYS A 81 -21.88 -8.35 -4.46
C LYS A 81 -21.10 -7.30 -5.25
N ALA A 82 -20.16 -7.73 -6.08
CA ALA A 82 -19.42 -6.75 -6.88
C ALA A 82 -20.21 -6.26 -8.09
N TRP A 83 -21.33 -6.89 -8.40
CA TRP A 83 -21.97 -6.60 -9.69
C TRP A 83 -22.46 -5.17 -9.81
N PRO A 84 -23.12 -4.55 -8.82
CA PRO A 84 -23.53 -3.15 -8.99
C PRO A 84 -22.39 -2.22 -9.39
N ASP A 85 -21.21 -2.38 -8.79
CA ASP A 85 -20.07 -1.50 -9.06
C ASP A 85 -19.24 -1.96 -10.27
N HIS A 86 -19.55 -3.14 -10.83
CA HIS A 86 -18.87 -3.67 -12.01
C HIS A 86 -19.71 -3.59 -13.27
N LYS A 87 -21.04 -3.58 -13.13
CA LYS A 87 -22.02 -3.46 -14.20
C LYS A 87 -21.58 -2.66 -15.41
N ARG A 88 -21.30 -1.37 -15.20
CA ARG A 88 -21.06 -0.48 -16.34
C ARG A 88 -19.65 -0.64 -16.90
N GLU A 89 -18.65 -0.87 -16.04
CA GLU A 89 -17.32 -1.11 -16.56
C GLU A 89 -17.26 -2.41 -17.35
N CYS A 90 -18.15 -3.35 -17.06
CA CYS A 90 -18.08 -4.65 -17.72
C CYS A 90 -18.27 -4.49 -19.21
N LYS A 91 -19.39 -3.81 -19.58
CA LYS A 91 -19.54 -3.17 -20.89
C LYS A 91 -18.21 -2.77 -21.53
N CYS A 92 -17.50 -1.86 -20.87
CA CYS A 92 -16.34 -1.22 -21.49
C CYS A 92 -15.20 -2.20 -21.61
N LEU A 93 -14.95 -3.01 -20.57
CA LEU A 93 -13.88 -3.99 -20.63
C LEU A 93 -14.15 -5.03 -21.71
N LYS A 94 -15.42 -5.44 -21.86
CA LYS A 94 -15.78 -6.36 -22.93
C LYS A 94 -15.53 -5.73 -24.29
N SER A 95 -16.08 -4.53 -24.50
CA SER A 95 -15.99 -3.87 -25.80
C SER A 95 -14.54 -3.69 -26.23
N CYS A 96 -13.64 -3.42 -25.29
CA CYS A 96 -12.24 -3.17 -25.58
C CYS A 96 -11.38 -4.43 -25.35
N LYS A 97 -11.97 -5.61 -25.57
CA LYS A 97 -11.53 -6.93 -25.10
C LYS A 97 -10.01 -7.13 -25.02
N PRO A 98 -9.26 -7.06 -26.13
CA PRO A 98 -7.82 -7.32 -26.00
C PRO A 98 -7.09 -6.25 -25.21
N ARG A 99 -7.57 -5.01 -25.27
CA ARG A 99 -6.94 -3.91 -24.55
C ARG A 99 -7.33 -3.96 -23.08
N TYR A 100 -6.34 -3.75 -22.21
CA TYR A 100 -6.61 -3.51 -20.80
C TYR A 100 -6.10 -2.13 -20.42
N PRO A 101 -6.92 -1.29 -19.82
CA PRO A 101 -6.51 0.10 -19.55
C PRO A 101 -5.51 0.18 -18.42
N PRO A 102 -4.74 1.26 -18.35
CA PRO A 102 -3.95 1.51 -17.13
C PRO A 102 -4.87 1.47 -15.91
N ASP A 103 -4.29 1.11 -14.75
CA ASP A 103 -5.05 1.04 -13.51
C ASP A 103 -5.77 2.33 -13.18
N SER A 104 -5.10 3.48 -13.40
CA SER A 104 -5.71 4.78 -13.10
C SER A 104 -6.98 5.01 -13.92
N VAL A 105 -7.03 4.49 -15.15
CA VAL A 105 -8.20 4.69 -16.01
C VAL A 105 -9.36 3.82 -15.53
N ARG A 106 -9.07 2.56 -15.19
CA ARG A 106 -10.12 1.73 -14.59
C ARG A 106 -10.61 2.34 -13.29
N LEU A 107 -9.69 2.86 -12.47
CA LEU A 107 -10.06 3.53 -11.22
C LEU A 107 -11.00 4.71 -11.47
N LEU A 108 -10.62 5.61 -12.37
CA LEU A 108 -11.46 6.78 -12.60
C LEU A 108 -12.82 6.37 -13.18
N GLY A 109 -12.85 5.34 -14.04
CA GLY A 109 -14.14 4.81 -14.46
C GLY A 109 -15.05 4.49 -13.29
N ARG A 110 -14.50 3.80 -12.29
CA ARG A 110 -15.30 3.44 -11.13
C ARG A 110 -15.69 4.67 -10.30
N VAL A 111 -14.83 5.70 -10.26
CA VAL A 111 -15.18 6.95 -9.59
C VAL A 111 -16.41 7.56 -10.23
N VAL A 112 -16.36 7.72 -11.56
CA VAL A 112 -17.46 8.33 -12.29
C VAL A 112 -18.77 7.55 -12.06
N PHE A 113 -18.73 6.23 -12.20
CA PHE A 113 -19.95 5.46 -12.01
C PHE A 113 -20.47 5.58 -10.58
N LYS A 114 -19.57 5.59 -9.60
CA LYS A 114 -20.00 5.75 -8.22
C LYS A 114 -20.66 7.10 -7.99
N LEU A 115 -20.07 8.17 -8.52
CA LEU A 115 -20.64 9.50 -8.32
C LEU A 115 -21.92 9.71 -9.12
N MET A 116 -22.06 9.04 -10.28
CA MET A 116 -23.26 9.17 -11.11
C MET A 116 -24.43 8.36 -10.58
N ASP A 117 -24.15 7.13 -10.11
CA ASP A 117 -25.19 6.15 -9.85
C ASP A 117 -25.34 5.78 -8.39
N GLY A 118 -24.36 6.10 -7.56
CA GLY A 118 -24.34 5.66 -6.19
C GLY A 118 -24.80 6.75 -5.23
N ALA A 119 -25.38 6.31 -4.11
CA ALA A 119 -25.69 7.23 -3.03
C ALA A 119 -24.41 7.90 -2.53
N PRO A 120 -24.54 9.03 -1.83
CA PRO A 120 -23.36 9.69 -1.27
C PRO A 120 -22.55 8.75 -0.40
N SER A 121 -21.25 8.71 -0.66
CA SER A 121 -20.36 7.72 -0.09
C SER A 121 -19.85 8.17 1.27
N GLU A 122 -19.86 7.24 2.23
CA GLU A 122 -19.26 7.51 3.53
C GLU A 122 -17.78 7.88 3.41
N SER A 123 -17.09 7.37 2.38
CA SER A 123 -15.69 7.71 2.17
C SER A 123 -15.47 9.21 2.00
N GLU A 124 -16.51 9.95 1.60
CA GLU A 124 -16.39 11.39 1.35
C GLU A 124 -16.90 12.23 2.52
N LYS A 125 -16.98 11.64 3.73
CA LYS A 125 -17.60 12.35 4.86
C LYS A 125 -16.85 13.63 5.19
N LEU A 126 -15.53 13.58 5.27
CA LEU A 126 -14.75 14.75 5.64
C LEU A 126 -14.30 15.57 4.45
N TYR A 127 -14.28 14.98 3.26
CA TYR A 127 -13.67 15.67 2.14
C TYR A 127 -13.99 14.82 0.94
N SER A 128 -14.34 15.45 -0.17
CA SER A 128 -14.92 14.72 -1.30
C SER A 128 -13.96 14.68 -2.47
N PHE A 129 -14.27 13.83 -3.46
CA PHE A 129 -13.47 13.81 -4.68
C PHE A 129 -13.46 15.20 -5.31
N TYR A 130 -14.60 15.90 -5.24
CA TYR A 130 -14.68 17.28 -5.73
C TYR A 130 -13.64 18.18 -5.07
N ASP A 131 -13.32 17.93 -3.80
CA ASP A 131 -12.47 18.77 -2.99
C ASP A 131 -10.98 18.50 -3.21
N LEU A 132 -10.65 17.34 -3.78
CA LEU A 132 -9.26 16.85 -3.77
C LEU A 132 -8.32 17.82 -4.46
N GLU A 133 -7.11 17.89 -3.90
CA GLU A 133 -6.02 18.66 -4.51
C GLU A 133 -5.62 18.08 -5.86
N SER A 134 -5.48 18.94 -6.86
CA SER A 134 -5.04 18.57 -8.20
C SER A 134 -3.65 19.06 -8.54
N ASN A 135 -3.13 20.06 -7.81
CA ASN A 135 -1.83 20.65 -8.09
C ASN A 135 -1.69 21.13 -9.54
N ILE A 136 -2.78 21.51 -10.19
CA ILE A 136 -2.68 21.79 -11.63
C ILE A 136 -1.72 22.94 -11.91
N ASN A 137 -1.59 23.91 -11.01
CA ASN A 137 -0.67 25.00 -11.31
C ASN A 137 0.80 24.66 -11.02
N LYS A 138 1.10 23.44 -10.56
CA LYS A 138 2.48 23.01 -10.40
C LYS A 138 2.90 21.93 -11.40
N LEU A 139 1.97 21.36 -12.17
CA LEU A 139 2.32 20.28 -13.07
C LEU A 139 3.31 20.77 -14.14
N THR A 140 4.31 19.95 -14.42
CA THR A 140 5.23 20.24 -15.51
C THR A 140 4.58 19.93 -16.84
N GLU A 141 5.16 20.48 -17.91
CA GLU A 141 4.62 20.18 -19.23
C GLU A 141 4.69 18.67 -19.52
N ASP A 142 5.74 18.00 -19.06
CA ASP A 142 5.82 16.56 -19.29
C ASP A 142 4.64 15.85 -18.63
N ARG A 143 4.34 16.21 -17.38
CA ARG A 143 3.20 15.61 -16.67
C ARG A 143 1.87 15.91 -17.37
N LYS A 144 1.68 17.15 -17.86
CA LYS A 144 0.43 17.49 -18.52
C LYS A 144 0.22 16.65 -19.77
N GLU A 145 1.30 16.42 -20.54
CA GLU A 145 1.20 15.55 -21.71
C GLU A 145 0.73 14.15 -21.32
N GLY A 146 1.28 13.61 -20.23
CA GLY A 146 0.84 12.30 -19.78
C GLY A 146 -0.62 12.28 -19.37
N LEU A 147 -1.07 13.36 -18.73
CA LEU A 147 -2.47 13.43 -18.31
C LEU A 147 -3.39 13.57 -19.52
N ARG A 148 -2.94 14.30 -20.56
CA ARG A 148 -3.75 14.36 -21.78
C ARG A 148 -3.89 12.98 -22.41
N GLN A 149 -2.84 12.16 -22.35
CA GLN A 149 -2.96 10.80 -22.89
C GLN A 149 -3.92 9.95 -22.06
N LEU A 150 -3.88 10.10 -20.73
CA LEU A 150 -4.84 9.39 -19.87
C LEU A 150 -6.27 9.79 -20.19
N VAL A 151 -6.52 11.09 -20.39
CA VAL A 151 -7.87 11.54 -20.73
C VAL A 151 -8.35 10.86 -22.00
N MET A 152 -7.49 10.79 -23.01
CA MET A 152 -7.89 10.18 -24.28
C MET A 152 -8.06 8.68 -24.11
N THR A 153 -7.21 8.06 -23.29
CA THR A 153 -7.39 6.64 -22.96
C THR A 153 -8.74 6.39 -22.29
N PHE A 154 -9.12 7.24 -21.32
CA PHE A 154 -10.41 7.11 -20.66
C PHE A 154 -11.55 7.24 -21.66
N GLN A 155 -11.48 8.26 -22.52
CA GLN A 155 -12.55 8.47 -23.48
C GLN A 155 -12.72 7.26 -24.37
N HIS A 156 -11.62 6.62 -24.74
CA HIS A 156 -11.70 5.43 -25.58
C HIS A 156 -12.28 4.25 -24.81
N PHE A 157 -11.77 4.02 -23.61
CA PHE A 157 -12.17 2.84 -22.84
C PHE A 157 -13.64 2.91 -22.46
N MET A 158 -14.13 4.10 -22.18
CA MET A 158 -15.45 4.27 -21.59
C MET A 158 -16.55 4.53 -22.62
N ARG A 159 -16.22 4.53 -23.92
CA ARG A 159 -17.19 5.04 -24.91
C ARG A 159 -18.51 4.27 -24.93
N GLU A 160 -18.54 3.00 -24.51
CA GLU A 160 -19.82 2.31 -24.47
C GLU A 160 -20.76 2.90 -23.42
N GLU A 161 -20.21 3.48 -22.36
CA GLU A 161 -21.01 3.93 -21.24
C GLU A 161 -21.07 5.44 -21.09
N ILE A 162 -20.05 6.16 -21.54
CA ILE A 162 -19.97 7.61 -21.41
C ILE A 162 -19.67 8.18 -22.77
N GLN A 163 -20.63 8.92 -23.33
CA GLN A 163 -20.49 9.56 -24.63
C GLN A 163 -20.39 11.08 -24.56
N ASP A 164 -20.99 11.72 -23.55
CA ASP A 164 -20.98 13.18 -23.49
C ASP A 164 -20.95 13.62 -22.03
N ALA A 165 -20.92 14.93 -21.84
CA ALA A 165 -20.77 15.49 -20.49
C ALA A 165 -21.97 15.21 -19.60
N SER A 166 -23.15 14.95 -20.19
CA SER A 166 -24.32 14.65 -19.37
C SER A 166 -24.20 13.34 -18.62
N GLN A 167 -23.21 12.51 -18.95
CA GLN A 167 -22.96 11.25 -18.25
C GLN A 167 -21.81 11.35 -17.26
N LEU A 168 -21.28 12.56 -17.06
CA LEU A 168 -20.29 12.86 -16.04
C LEU A 168 -20.93 13.79 -15.00
N PRO A 169 -20.40 13.83 -13.78
CA PRO A 169 -20.92 14.78 -12.79
C PRO A 169 -20.89 16.20 -13.31
N PRO A 170 -21.68 17.11 -12.74
CA PRO A 170 -21.72 18.49 -13.25
C PRO A 170 -20.34 19.13 -13.28
N ALA A 171 -20.00 19.74 -14.42
CA ALA A 171 -18.73 20.45 -14.63
C ALA A 171 -17.52 19.57 -14.32
N PHE A 172 -17.67 18.25 -14.47
CA PHE A 172 -16.57 17.32 -14.30
C PHE A 172 -15.54 17.52 -15.40
N ASP A 173 -14.28 17.66 -15.01
CA ASP A 173 -13.20 17.84 -15.98
C ASP A 173 -12.25 16.65 -15.89
N LEU A 174 -12.12 15.89 -16.98
CA LEU A 174 -11.36 14.64 -16.93
C LEU A 174 -9.87 14.90 -16.69
N PHE A 175 -9.31 15.98 -17.25
CA PHE A 175 -7.91 16.32 -17.00
C PHE A 175 -7.68 16.59 -15.52
N GLU A 176 -8.53 17.42 -14.91
CA GLU A 176 -8.44 17.67 -13.47
C GLU A 176 -8.63 16.39 -12.67
N ALA A 177 -9.57 15.54 -13.10
CA ALA A 177 -9.81 14.30 -12.36
C ALA A 177 -8.58 13.40 -12.35
N PHE A 178 -7.90 13.24 -13.49
CA PHE A 178 -6.67 12.45 -13.48
C PHE A 178 -5.57 13.13 -12.68
N ALA A 179 -5.50 14.47 -12.71
CA ALA A 179 -4.55 15.16 -11.84
C ALA A 179 -4.80 14.84 -10.37
N LYS A 180 -6.08 14.76 -9.97
CA LYS A 180 -6.36 14.40 -8.58
C LYS A 180 -5.99 12.96 -8.31
N VAL A 181 -6.20 12.08 -9.28
CA VAL A 181 -5.87 10.67 -9.06
C VAL A 181 -4.36 10.51 -8.83
N ILE A 182 -3.53 11.27 -9.55
CA ILE A 182 -2.08 11.14 -9.42
C ILE A 182 -1.62 11.35 -7.98
N CYS A 183 -2.09 12.42 -7.34
CA CYS A 183 -1.60 12.76 -6.01
C CYS A 183 -2.56 12.36 -4.88
N ASN A 184 -3.59 11.56 -5.18
CA ASN A 184 -4.48 11.11 -4.10
C ASN A 184 -4.76 9.61 -4.14
N SER A 185 -4.04 8.85 -4.97
CA SER A 185 -4.25 7.40 -5.01
C SER A 185 -3.60 6.73 -3.82
N PHE A 186 -4.28 5.73 -3.28
CA PHE A 186 -3.75 4.89 -2.22
C PHE A 186 -3.45 3.51 -2.79
N THR A 187 -2.26 3.00 -2.47
CA THR A 187 -1.88 1.63 -2.80
C THR A 187 -2.39 0.68 -1.73
N ILE A 188 -3.30 -0.19 -2.12
CA ILE A 188 -3.91 -1.14 -1.17
C ILE A 188 -2.99 -2.35 -1.02
N CYS A 189 -2.66 -2.69 0.24
CA CYS A 189 -1.82 -3.85 0.50
C CYS A 189 -2.62 -4.96 1.17
N ASN A 190 -2.26 -6.22 0.90
CA ASN A 190 -2.95 -7.32 1.55
C ASN A 190 -2.34 -7.52 2.93
N ALA A 191 -2.78 -8.57 3.65
CA ALA A 191 -2.33 -8.74 5.03
C ALA A 191 -0.82 -8.98 5.11
N GLU A 192 -0.25 -9.59 4.07
CA GLU A 192 1.17 -9.89 3.96
C GLU A 192 1.97 -8.72 3.39
N MET A 193 1.31 -7.57 3.21
CA MET A 193 1.90 -6.32 2.77
C MET A 193 2.35 -6.34 1.33
N GLN A 194 1.75 -7.22 0.53
CA GLN A 194 1.89 -7.22 -0.92
C GLN A 194 0.91 -6.23 -1.51
N GLU A 195 1.38 -5.44 -2.48
CA GLU A 195 0.50 -4.50 -3.17
C GLU A 195 -0.47 -5.28 -4.05
N VAL A 196 -1.78 -5.02 -3.88
CA VAL A 196 -2.79 -5.77 -4.63
C VAL A 196 -3.81 -4.88 -5.31
N GLY A 197 -3.88 -3.60 -4.94
CA GLY A 197 -4.92 -2.74 -5.49
C GLY A 197 -4.61 -1.26 -5.37
N VAL A 198 -5.48 -0.45 -5.96
CA VAL A 198 -5.38 1.00 -5.85
C VAL A 198 -6.77 1.55 -5.58
N GLY A 199 -6.87 2.54 -4.69
CA GLY A 199 -8.17 3.09 -4.36
C GLY A 199 -8.09 4.57 -4.03
N LEU A 200 -9.26 5.21 -4.09
CA LEU A 200 -9.43 6.59 -3.60
C LEU A 200 -10.23 6.57 -2.31
N TYR A 201 -9.73 7.29 -1.32
CA TYR A 201 -10.31 7.42 0.02
C TYR A 201 -10.30 8.90 0.34
N PRO A 202 -11.28 9.66 -0.14
CA PRO A 202 -11.10 11.13 -0.13
C PRO A 202 -10.98 11.75 1.25
N SER A 203 -11.67 11.22 2.28
CA SER A 203 -11.50 11.76 3.63
C SER A 203 -10.08 11.52 4.14
N ILE A 204 -9.49 10.38 3.81
CA ILE A 204 -8.12 10.06 4.23
C ILE A 204 -7.12 10.90 3.46
N SER A 205 -7.51 11.40 2.28
CA SER A 205 -6.63 12.27 1.52
C SER A 205 -6.43 13.64 2.17
N LEU A 206 -7.15 13.97 3.25
CA LEU A 206 -6.80 15.19 3.98
C LEU A 206 -5.45 15.11 4.67
N LEU A 207 -4.92 13.90 4.92
CA LEU A 207 -3.67 13.80 5.66
C LEU A 207 -2.49 14.24 4.81
N ASN A 208 -1.73 15.22 5.31
CA ASN A 208 -0.47 15.55 4.70
C ASN A 208 0.64 14.56 5.08
N HIS A 209 1.75 14.67 4.36
CA HIS A 209 2.88 13.75 4.45
C HIS A 209 3.89 14.18 5.50
N SER A 210 4.48 13.19 6.17
CA SER A 210 5.72 13.40 6.92
C SER A 210 6.62 12.19 6.74
N CYS A 211 7.94 12.43 6.65
CA CYS A 211 8.88 11.32 6.65
C CYS A 211 9.09 10.73 8.05
N ASP A 212 8.44 11.32 9.07
CA ASP A 212 8.42 10.78 10.44
C ASP A 212 7.04 11.07 11.02
N PRO A 213 6.02 10.30 10.61
CA PRO A 213 4.63 10.68 10.83
C PRO A 213 4.11 10.26 12.21
N ASN A 214 2.97 10.84 12.59
CA ASN A 214 2.33 10.46 13.86
C ASN A 214 1.12 9.57 13.70
N CYS A 215 0.70 9.30 12.47
CA CYS A 215 -0.37 8.35 12.20
C CYS A 215 0.11 7.35 11.16
N SER A 216 -0.68 6.29 10.99
CA SER A 216 -0.41 5.24 10.02
C SER A 216 -1.74 4.67 9.52
N ILE A 217 -1.76 4.27 8.25
CA ILE A 217 -2.91 3.56 7.71
C ILE A 217 -2.53 2.11 7.48
N VAL A 218 -3.54 1.24 7.53
CA VAL A 218 -3.38 -0.18 7.23
C VAL A 218 -4.65 -0.62 6.51
N PHE A 219 -4.51 -1.63 5.65
CA PHE A 219 -5.63 -2.13 4.86
C PHE A 219 -6.02 -3.50 5.34
N ASN A 220 -7.33 -3.73 5.40
CA ASN A 220 -7.92 -5.04 5.68
C ASN A 220 -8.85 -5.30 4.49
N GLY A 221 -8.36 -6.01 3.48
CA GLY A 221 -9.02 -5.98 2.19
C GLY A 221 -9.05 -4.56 1.68
N PRO A 222 -10.16 -4.14 1.05
CA PRO A 222 -10.25 -2.72 0.63
C PRO A 222 -10.54 -1.75 1.78
N HIS A 223 -10.79 -2.25 2.99
CA HIS A 223 -11.15 -1.37 4.10
C HIS A 223 -9.89 -0.76 4.72
N LEU A 224 -9.95 0.55 4.98
CA LEU A 224 -8.79 1.30 5.48
C LEU A 224 -9.01 1.72 6.93
N LEU A 225 -8.03 1.44 7.78
CA LEU A 225 -8.01 1.91 9.15
C LEU A 225 -6.92 2.95 9.33
N LEU A 226 -7.28 4.10 9.93
CA LEU A 226 -6.32 5.14 10.28
C LEU A 226 -6.13 5.15 11.80
N ARG A 227 -4.87 5.02 12.24
CA ARG A 227 -4.56 4.94 13.66
C ARG A 227 -3.45 5.93 14.01
N ALA A 228 -3.52 6.50 15.22
CA ALA A 228 -2.37 7.20 15.77
C ALA A 228 -1.27 6.21 16.11
N VAL A 229 -0.01 6.59 15.89
CA VAL A 229 1.14 5.77 16.26
C VAL A 229 2.11 6.51 17.17
N ARG A 230 1.76 7.73 17.58
CA ARG A 230 2.44 8.54 18.58
C ARG A 230 1.39 9.18 19.46
N ASP A 231 1.81 9.76 20.59
CA ASP A 231 0.94 10.68 21.30
C ASP A 231 0.73 11.94 20.45
N ILE A 232 -0.52 12.41 20.41
CA ILE A 232 -0.88 13.61 19.65
C ILE A 232 -1.72 14.53 20.51
N GLU A 233 -1.36 15.81 20.53
CA GLU A 233 -2.04 16.86 21.31
C GLU A 233 -3.21 17.44 20.54
N VAL A 234 -4.20 17.96 21.28
CA VAL A 234 -5.28 18.73 20.66
CA VAL A 234 -5.28 18.71 20.65
C VAL A 234 -4.70 19.77 19.73
N GLY A 235 -5.22 19.84 18.52
CA GLY A 235 -4.79 20.83 17.56
C GLY A 235 -3.58 20.46 16.72
N GLU A 236 -2.88 19.39 17.09
CA GLU A 236 -1.70 18.99 16.34
C GLU A 236 -2.10 18.36 15.01
N GLU A 237 -1.37 18.71 13.95
CA GLU A 237 -1.66 18.13 12.65
C GLU A 237 -1.33 16.64 12.62
N LEU A 238 -2.24 15.89 11.99
CA LEU A 238 -2.08 14.47 11.76
C LEU A 238 -1.34 14.24 10.44
N THR A 239 -0.33 13.36 10.45
CA THR A 239 0.44 13.08 9.24
C THR A 239 0.58 11.58 9.03
N ILE A 240 0.68 11.17 7.76
CA ILE A 240 1.11 9.82 7.41
C ILE A 240 2.31 9.94 6.49
N CYS A 241 3.08 8.86 6.38
CA CYS A 241 4.16 8.82 5.41
C CYS A 241 3.65 8.25 4.10
N TYR A 242 3.71 9.05 3.04
CA TYR A 242 3.24 8.61 1.74
C TYR A 242 4.11 7.53 1.11
N LEU A 243 5.32 7.33 1.64
CA LEU A 243 6.41 6.68 0.91
C LEU A 243 6.93 5.45 1.67
N ASP A 244 7.40 4.48 0.90
CA ASP A 244 8.20 3.37 1.42
C ASP A 244 9.32 3.90 2.32
N MET A 245 9.51 3.27 3.48
CA MET A 245 10.57 3.73 4.38
C MET A 245 11.98 3.47 3.85
N LEU A 246 12.17 2.48 2.98
CA LEU A 246 13.49 2.12 2.49
C LEU A 246 13.82 2.94 1.25
N MET A 247 13.97 4.25 1.49
CA MET A 247 14.31 5.26 0.50
C MET A 247 15.23 6.31 1.08
N THR A 248 16.18 6.77 0.28
CA THR A 248 17.01 7.90 0.68
C THR A 248 16.26 9.21 0.51
N SER A 249 16.77 10.27 1.17
CA SER A 249 16.13 11.58 1.05
C SER A 249 16.11 12.05 -0.40
N GLU A 250 17.10 11.66 -1.19
CA GLU A 250 17.10 12.07 -2.58
C GLU A 250 16.04 11.29 -3.38
N GLU A 251 15.83 10.02 -3.01
CA GLU A 251 14.75 9.26 -3.64
C GLU A 251 13.40 9.79 -3.21
N ARG A 252 13.25 10.17 -1.93
CA ARG A 252 11.98 10.74 -1.48
C ARG A 252 11.71 12.08 -2.15
N ARG A 253 12.76 12.93 -2.26
CA ARG A 253 12.63 14.19 -2.98
C ARG A 253 12.04 13.99 -4.37
N LYS A 254 12.59 13.05 -5.13
CA LYS A 254 12.13 12.85 -6.50
C LYS A 254 10.67 12.45 -6.53
N GLN A 255 10.27 11.49 -5.68
CA GLN A 255 8.90 11.00 -5.74
C GLN A 255 7.91 12.06 -5.24
N LEU A 256 8.31 12.82 -4.22
CA LEU A 256 7.42 13.83 -3.69
C LEU A 256 7.25 14.99 -4.67
N ARG A 257 8.31 15.32 -5.41
CA ARG A 257 8.16 16.28 -6.50
C ARG A 257 7.32 15.70 -7.62
N ASP A 258 7.70 14.53 -8.12
CA ASP A 258 7.10 14.03 -9.35
C ASP A 258 5.62 13.70 -9.17
N GLN A 259 5.26 13.07 -8.06
CA GLN A 259 3.89 12.62 -7.84
C GLN A 259 3.04 13.61 -7.05
N TYR A 260 3.63 14.36 -6.14
CA TYR A 260 2.84 15.17 -5.21
C TYR A 260 3.15 16.66 -5.29
N CYS A 261 4.07 17.06 -6.16
CA CYS A 261 4.43 18.47 -6.36
C CYS A 261 4.69 19.23 -5.07
N PHE A 262 5.51 18.67 -4.17
CA PHE A 262 6.02 19.50 -3.08
C PHE A 262 7.44 19.11 -2.69
N GLU A 263 8.09 20.05 -1.98
CA GLU A 263 9.43 19.89 -1.43
C GLU A 263 9.27 19.66 0.07
N CYS A 264 9.87 18.59 0.57
CA CYS A 264 9.67 18.24 1.98
C CYS A 264 10.67 18.97 2.84
N ASP A 265 10.16 19.66 3.86
CA ASP A 265 10.97 20.44 4.77
C ASP A 265 11.23 19.72 6.10
N CYS A 266 10.96 18.41 6.20
CA CYS A 266 11.00 17.84 7.56
C CYS A 266 12.46 17.69 8.02
N PHE A 267 12.65 17.36 9.31
CA PHE A 267 14.01 17.26 9.82
C PHE A 267 14.80 16.19 9.08
N ARG A 268 14.14 15.08 8.75
CA ARG A 268 14.89 13.99 8.12
C ARG A 268 15.41 14.39 6.76
N CYS A 269 14.65 15.21 6.03
CA CYS A 269 15.14 15.58 4.71
C CYS A 269 16.23 16.64 4.81
N GLN A 270 16.08 17.57 5.76
CA GLN A 270 17.10 18.59 5.98
C GLN A 270 18.45 17.99 6.36
N THR A 271 18.45 16.83 7.01
CA THR A 271 19.68 16.25 7.54
C THR A 271 20.10 14.96 6.86
N GLN A 272 19.39 14.53 5.81
CA GLN A 272 19.69 13.28 5.12
C GLN A 272 19.71 12.12 6.12
N ASP A 273 18.80 12.19 7.09
CA ASP A 273 18.72 11.23 8.18
C ASP A 273 18.69 9.80 7.66
N LYS A 274 19.69 9.01 8.06
CA LYS A 274 19.87 7.58 7.74
C LYS A 274 20.41 7.32 6.33
N ASP A 275 20.55 8.34 5.47
CA ASP A 275 21.04 8.08 4.12
C ASP A 275 22.36 7.33 4.10
N ALA A 276 23.31 7.72 4.95
CA ALA A 276 24.64 7.13 4.89
C ALA A 276 24.58 5.63 5.19
N ASP A 277 23.87 5.26 6.25
CA ASP A 277 23.75 3.85 6.59
C ASP A 277 23.03 3.08 5.49
N MET A 278 21.99 3.67 4.89
CA MET A 278 21.24 2.98 3.83
C MET A 278 22.09 2.64 2.62
N LEU A 279 23.16 3.39 2.37
CA LEU A 279 23.98 3.19 1.18
C LEU A 279 25.37 2.64 1.52
N THR A 280 25.49 1.89 2.61
CA THR A 280 26.79 1.29 2.91
C THR A 280 27.09 0.13 1.97
N GLY A 281 28.37 -0.21 1.88
CA GLY A 281 28.83 -1.22 0.96
C GLY A 281 29.37 -0.59 -0.30
N ASP A 282 29.82 -1.45 -1.21
CA ASP A 282 30.45 -0.99 -2.44
C ASP A 282 29.41 -0.40 -3.38
N GLU A 283 29.62 0.84 -3.81
CA GLU A 283 28.55 1.49 -4.57
C GLU A 283 28.35 0.88 -5.96
N GLN A 284 29.39 0.38 -6.62
CA GLN A 284 29.14 -0.32 -7.88
C GLN A 284 28.29 -1.58 -7.67
N VAL A 285 28.49 -2.29 -6.55
CA VAL A 285 27.63 -3.43 -6.28
C VAL A 285 26.20 -2.97 -6.05
N TRP A 286 25.99 -1.94 -5.21
CA TRP A 286 24.59 -1.65 -4.92
C TRP A 286 23.89 -0.92 -6.05
N LYS A 287 24.63 -0.21 -6.92
CA LYS A 287 24.00 0.27 -8.15
C LYS A 287 23.48 -0.88 -9.03
N GLU A 288 24.25 -1.97 -9.15
CA GLU A 288 23.81 -3.13 -9.91
C GLU A 288 22.59 -3.80 -9.28
N VAL A 289 22.58 -3.90 -7.94
CA VAL A 289 21.44 -4.51 -7.26
C VAL A 289 20.21 -3.64 -7.39
N GLN A 290 20.38 -2.33 -7.24
CA GLN A 290 19.25 -1.42 -7.46
C GLN A 290 18.68 -1.59 -8.86
N GLU A 291 19.55 -1.71 -9.88
CA GLU A 291 19.07 -1.96 -11.24
C GLU A 291 18.33 -3.28 -11.32
N SER A 292 18.87 -4.34 -10.71
CA SER A 292 18.23 -5.66 -10.77
C SER A 292 16.88 -5.67 -10.07
N LEU A 293 16.72 -4.87 -9.01
CA LEU A 293 15.47 -4.80 -8.28
C LEU A 293 14.31 -4.35 -9.17
N LYS A 294 14.59 -3.62 -10.25
CA LYS A 294 13.50 -3.23 -11.15
C LYS A 294 12.79 -4.47 -11.69
N LYS A 295 13.57 -5.45 -12.14
CA LYS A 295 12.96 -6.68 -12.63
C LYS A 295 12.42 -7.52 -11.48
N ILE A 296 13.16 -7.61 -10.36
CA ILE A 296 12.69 -8.43 -9.25
C ILE A 296 11.34 -7.94 -8.75
N GLU A 297 11.20 -6.63 -8.58
CA GLU A 297 9.94 -6.08 -8.08
C GLU A 297 8.83 -6.23 -9.11
N GLU A 298 9.15 -6.16 -10.40
CA GLU A 298 8.17 -6.44 -11.45
C GLU A 298 7.69 -7.90 -11.37
N LEU A 299 8.63 -8.83 -11.25
CA LEU A 299 8.25 -10.24 -11.11
C LEU A 299 7.41 -10.44 -9.86
N LYS A 300 7.78 -9.78 -8.75
CA LYS A 300 7.02 -9.93 -7.52
C LYS A 300 5.60 -9.39 -7.66
N ALA A 301 5.45 -8.24 -8.32
CA ALA A 301 4.12 -7.66 -8.49
C ALA A 301 3.19 -8.59 -9.27
N HIS A 302 3.76 -9.47 -10.09
CA HIS A 302 2.98 -10.46 -10.82
C HIS A 302 2.99 -11.84 -10.15
N TRP A 303 3.50 -11.92 -8.92
CA TRP A 303 3.45 -13.13 -8.10
C TRP A 303 4.27 -14.27 -8.72
N LYS A 304 5.34 -13.91 -9.43
CA LYS A 304 6.20 -14.90 -10.09
C LYS A 304 7.33 -15.32 -9.15
N TRP A 305 6.94 -16.06 -8.10
CA TRP A 305 7.83 -16.30 -6.95
C TRP A 305 9.09 -17.08 -7.31
N GLU A 306 8.98 -18.09 -8.17
CA GLU A 306 10.16 -18.87 -8.53
C GLU A 306 11.19 -17.99 -9.25
N GLN A 307 10.72 -17.09 -10.12
CA GLN A 307 11.64 -16.20 -10.82
C GLN A 307 12.20 -15.14 -9.87
N VAL A 308 11.37 -14.65 -8.94
CA VAL A 308 11.88 -13.75 -7.90
C VAL A 308 13.01 -14.40 -7.14
N LEU A 309 12.78 -15.62 -6.65
CA LEU A 309 13.77 -16.28 -5.80
C LEU A 309 15.08 -16.50 -6.53
N ALA A 310 15.01 -16.93 -7.80
CA ALA A 310 16.24 -17.20 -8.55
C ALA A 310 17.06 -15.93 -8.74
N MET A 311 16.41 -14.80 -8.98
CA MET A 311 17.14 -13.57 -9.13
C MET A 311 17.72 -13.11 -7.80
N CYS A 312 16.99 -13.32 -6.70
CA CYS A 312 17.48 -12.86 -5.40
C CYS A 312 18.63 -13.73 -4.91
N GLN A 313 18.54 -15.04 -5.11
CA GLN A 313 19.63 -15.94 -4.72
C GLN A 313 20.93 -15.57 -5.41
N ALA A 314 20.85 -15.17 -6.68
CA ALA A 314 22.04 -14.78 -7.44
C ALA A 314 22.71 -13.55 -6.84
N ILE A 315 21.99 -12.76 -6.05
CA ILE A 315 22.56 -11.61 -5.36
C ILE A 315 22.99 -11.98 -3.95
N ILE A 316 22.07 -12.58 -3.19
CA ILE A 316 22.34 -12.89 -1.79
C ILE A 316 23.52 -13.84 -1.66
N SER A 317 23.63 -14.81 -2.56
CA SER A 317 24.70 -15.80 -2.54
C SER A 317 25.61 -15.67 -3.76
N SER A 318 25.87 -14.43 -4.19
CA SER A 318 26.71 -14.17 -5.34
C SER A 318 28.13 -14.69 -5.12
N ASN A 319 28.74 -15.16 -6.20
CA ASN A 319 30.17 -15.40 -6.15
C ASN A 319 30.95 -14.10 -6.05
N SER A 320 30.41 -13.02 -6.59
CA SER A 320 31.04 -11.70 -6.57
C SER A 320 30.71 -10.97 -5.27
N GLU A 321 31.24 -9.74 -5.15
CA GLU A 321 31.15 -8.96 -3.91
C GLU A 321 29.70 -8.82 -3.44
N ARG A 322 29.53 -8.83 -2.12
CA ARG A 322 28.23 -8.77 -1.47
C ARG A 322 28.07 -7.47 -0.70
N LEU A 323 26.84 -7.21 -0.29
CA LEU A 323 26.46 -6.00 0.41
C LEU A 323 26.05 -6.28 1.86
N PRO A 324 26.22 -5.31 2.75
CA PRO A 324 25.67 -5.42 4.09
C PRO A 324 24.15 -5.43 4.08
N ASP A 325 23.56 -6.12 5.05
CA ASP A 325 22.10 -6.25 5.12
C ASP A 325 21.40 -4.95 5.47
N ILE A 326 22.12 -3.96 6.01
CA ILE A 326 21.49 -2.67 6.22
CA ILE A 326 21.58 -2.65 6.26
C ILE A 326 21.49 -1.80 4.98
N ASN A 327 22.20 -2.18 3.92
CA ASN A 327 22.05 -1.46 2.66
C ASN A 327 20.63 -1.68 2.13
N ILE A 328 19.94 -0.62 1.71
CA ILE A 328 18.50 -0.76 1.50
C ILE A 328 18.18 -1.63 0.28
N TYR A 329 19.07 -1.63 -0.73
CA TYR A 329 18.81 -2.47 -1.89
C TYR A 329 19.06 -3.94 -1.56
N GLN A 330 20.14 -4.23 -0.82
CA GLN A 330 20.33 -5.57 -0.25
C GLN A 330 19.12 -6.00 0.58
N LEU A 331 18.62 -5.08 1.41
CA LEU A 331 17.52 -5.41 2.31
C LEU A 331 16.25 -5.73 1.53
N LYS A 332 15.97 -4.94 0.49
CA LYS A 332 14.79 -5.22 -0.33
C LYS A 332 14.90 -6.59 -0.97
N VAL A 333 16.11 -6.97 -1.40
CA VAL A 333 16.31 -8.29 -2.02
C VAL A 333 16.06 -9.39 -1.00
N LEU A 334 16.58 -9.21 0.22
CA LEU A 334 16.31 -10.18 1.27
C LEU A 334 14.82 -10.33 1.53
N ASP A 335 14.09 -9.21 1.57
CA ASP A 335 12.65 -9.28 1.81
C ASP A 335 11.93 -9.99 0.67
N CYS A 336 12.28 -9.66 -0.58
CA CYS A 336 11.66 -10.36 -1.71
C CYS A 336 11.97 -11.84 -1.67
N ALA A 337 13.21 -12.18 -1.30
CA ALA A 337 13.57 -13.60 -1.24
C ALA A 337 12.79 -14.32 -0.14
N MET A 338 12.63 -13.68 1.02
CA MET A 338 11.84 -14.26 2.11
C MET A 338 10.40 -14.51 1.66
N ASP A 339 9.76 -13.50 1.06
CA ASP A 339 8.38 -13.70 0.64
C ASP A 339 8.27 -14.77 -0.44
N ALA A 340 9.24 -14.83 -1.36
CA ALA A 340 9.19 -15.88 -2.37
C ALA A 340 9.30 -17.25 -1.72
N CYS A 341 10.22 -17.40 -0.76
CA CYS A 341 10.37 -18.69 -0.10
C CYS A 341 9.11 -19.05 0.69
N ILE A 342 8.46 -18.07 1.32
CA ILE A 342 7.23 -18.35 2.07
C ILE A 342 6.18 -18.91 1.12
N ASN A 343 5.94 -18.21 0.01
CA ASN A 343 4.92 -18.65 -0.94
C ASN A 343 5.30 -19.91 -1.69
N LEU A 344 6.59 -20.25 -1.74
CA LEU A 344 7.03 -21.50 -2.34
C LEU A 344 7.14 -22.64 -1.34
N GLY A 345 6.86 -22.38 -0.06
CA GLY A 345 6.97 -23.41 0.95
C GLY A 345 8.39 -23.73 1.37
N LEU A 346 9.34 -22.87 1.05
CA LEU A 346 10.73 -23.09 1.45
C LEU A 346 10.98 -22.37 2.78
N LEU A 347 10.42 -22.94 3.84
CA LEU A 347 10.28 -22.20 5.09
C LEU A 347 11.59 -22.06 5.84
N GLU A 348 12.51 -23.02 5.70
CA GLU A 348 13.82 -22.88 6.34
C GLU A 348 14.63 -21.75 5.71
N GLU A 349 14.67 -21.73 4.38
CA GLU A 349 15.38 -20.66 3.67
C GLU A 349 14.71 -19.31 3.91
N ALA A 350 13.37 -19.30 4.01
CA ALA A 350 12.66 -18.05 4.28
C ALA A 350 13.04 -17.49 5.65
N LEU A 351 13.22 -18.36 6.64
CA LEU A 351 13.56 -17.89 7.97
C LEU A 351 14.96 -17.29 7.98
N PHE A 352 15.87 -17.86 7.19
CA PHE A 352 17.23 -17.35 7.14
C PHE A 352 17.24 -15.91 6.63
N TYR A 353 16.58 -15.68 5.49
CA TYR A 353 16.47 -14.32 4.95
C TYR A 353 15.69 -13.41 5.88
N GLY A 354 14.57 -13.90 6.42
CA GLY A 354 13.75 -13.06 7.29
C GLY A 354 14.46 -12.63 8.57
N THR A 355 15.17 -13.54 9.24
CA THR A 355 15.86 -13.10 10.45
CA THR A 355 15.91 -13.17 10.44
C THR A 355 16.93 -12.07 10.14
N ARG A 356 17.57 -12.16 8.97
CA ARG A 356 18.59 -11.18 8.60
C ARG A 356 17.99 -9.79 8.45
N THR A 357 16.70 -9.69 8.10
CA THR A 357 16.07 -8.38 7.96
C THR A 357 15.68 -7.75 9.30
N MET A 358 15.73 -8.50 10.39
CA MET A 358 15.12 -8.04 11.65
C MET A 358 15.81 -6.79 12.19
N GLU A 359 17.15 -6.80 12.33
CA GLU A 359 17.82 -5.61 12.85
C GLU A 359 17.70 -4.43 11.89
N PRO A 360 17.95 -4.56 10.58
CA PRO A 360 17.70 -3.42 9.69
C PRO A 360 16.28 -2.88 9.77
N TYR A 361 15.27 -3.75 9.87
CA TYR A 361 13.89 -3.27 10.00
C TYR A 361 13.70 -2.51 11.31
N ARG A 362 14.36 -2.97 12.39
CA ARG A 362 14.25 -2.22 13.63
C ARG A 362 14.77 -0.79 13.45
N ILE A 363 15.84 -0.62 12.68
CA ILE A 363 16.44 0.70 12.50
C ILE A 363 15.61 1.56 11.56
N PHE A 364 15.15 0.99 10.45
CA PHE A 364 14.53 1.78 9.39
C PHE A 364 13.03 1.96 9.56
N PHE A 365 12.39 1.24 10.48
CA PHE A 365 10.96 1.41 10.77
C PHE A 365 10.81 1.77 12.25
N PRO A 366 11.27 2.96 12.65
CA PRO A 366 11.25 3.31 14.07
C PRO A 366 9.84 3.42 14.62
N GLY A 367 9.73 3.19 15.92
CA GLY A 367 8.43 3.28 16.58
C GLY A 367 7.53 2.12 16.19
N SER A 368 6.29 2.45 15.83
CA SER A 368 5.27 1.46 15.47
C SER A 368 4.92 1.67 14.00
N HIS A 369 5.32 0.73 13.15
CA HIS A 369 5.07 0.78 11.70
C HIS A 369 4.50 -0.55 11.29
N PRO A 370 3.37 -0.58 10.56
CA PRO A 370 2.75 -1.88 10.23
C PRO A 370 3.64 -2.79 9.39
N VAL A 371 4.54 -2.23 8.56
CA VAL A 371 5.41 -3.07 7.75
C VAL A 371 6.35 -3.88 8.63
N ARG A 372 6.90 -3.25 9.67
CA ARG A 372 7.76 -3.98 10.61
C ARG A 372 6.96 -4.99 11.42
N GLY A 373 5.78 -4.57 11.91
CA GLY A 373 4.92 -5.50 12.64
C GLY A 373 4.67 -6.79 11.89
N VAL A 374 4.32 -6.68 10.61
CA VAL A 374 4.04 -7.86 9.78
C VAL A 374 5.31 -8.67 9.53
N GLN A 375 6.45 -7.99 9.36
CA GLN A 375 7.70 -8.72 9.12
C GLN A 375 8.08 -9.55 10.33
N VAL A 376 7.97 -8.95 11.53
CA VAL A 376 8.26 -9.70 12.76
C VAL A 376 7.28 -10.84 12.93
N MET A 377 6.01 -10.61 12.58
CA MET A 377 5.04 -11.69 12.70
C MET A 377 5.36 -12.84 11.74
N LYS A 378 5.82 -12.53 10.51
CA LYS A 378 6.23 -13.60 9.59
C LYS A 378 7.41 -14.40 10.15
N VAL A 379 8.39 -13.72 10.73
CA VAL A 379 9.55 -14.41 11.30
C VAL A 379 9.13 -15.28 12.47
N GLY A 380 8.32 -14.73 13.38
CA GLY A 380 7.81 -15.53 14.49
C GLY A 380 7.00 -16.73 14.01
N LYS A 381 6.19 -16.54 12.97
CA LYS A 381 5.44 -17.67 12.42
C LYS A 381 6.36 -18.71 11.82
N LEU A 382 7.43 -18.27 11.15
CA LEU A 382 8.40 -19.21 10.60
C LEU A 382 9.08 -19.98 11.72
N GLN A 383 9.42 -19.30 12.82
CA GLN A 383 10.06 -19.96 13.94
C GLN A 383 9.12 -20.94 14.62
N LEU A 384 7.83 -20.61 14.68
CA LEU A 384 6.84 -21.51 15.28
C LEU A 384 6.69 -22.79 14.46
N HIS A 385 6.65 -22.67 13.13
CA HIS A 385 6.53 -23.83 12.25
CA HIS A 385 6.50 -23.86 12.30
C HIS A 385 7.73 -24.76 12.35
N GLN A 386 8.88 -24.24 12.77
CA GLN A 386 10.07 -25.08 12.87
C GLN A 386 10.40 -25.48 14.30
N GLY A 387 9.51 -25.19 15.25
CA GLY A 387 9.64 -25.68 16.60
C GLY A 387 10.48 -24.84 17.52
N MET A 388 10.86 -23.63 17.11
CA MET A 388 11.64 -22.73 17.97
C MET A 388 10.68 -21.91 18.82
N PHE A 389 10.17 -22.54 19.87
CA PHE A 389 9.05 -21.94 20.58
C PHE A 389 9.45 -20.72 21.40
N PRO A 390 10.54 -20.72 22.18
CA PRO A 390 10.86 -19.50 22.95
C PRO A 390 11.19 -18.31 22.05
N GLN A 391 11.86 -18.55 20.93
CA GLN A 391 12.21 -17.43 20.05
C GLN A 391 11.00 -16.95 19.27
N ALA A 392 10.19 -17.88 18.74
CA ALA A 392 8.92 -17.51 18.13
C ALA A 392 8.08 -16.70 19.11
N MET A 393 7.98 -17.16 20.35
CA MET A 393 7.15 -16.45 21.32
C MET A 393 7.64 -15.02 21.51
N LYS A 394 8.95 -14.82 21.53
CA LYS A 394 9.47 -13.46 21.68
C LYS A 394 9.10 -12.60 20.47
N ASN A 395 9.20 -13.17 19.28
CA ASN A 395 8.90 -12.37 18.09
C ASN A 395 7.40 -12.17 17.91
N LEU A 396 6.60 -13.19 18.20
CA LEU A 396 5.15 -13.01 18.13
C LEU A 396 4.68 -11.97 19.13
N ARG A 397 5.27 -11.94 20.33
CA ARG A 397 4.90 -10.90 21.30
C ARG A 397 5.34 -9.53 20.83
N LEU A 398 6.53 -9.45 20.23
CA LEU A 398 6.99 -8.19 19.66
C LEU A 398 6.05 -7.73 18.54
N ALA A 399 5.71 -8.65 17.64
CA ALA A 399 4.74 -8.33 16.60
C ALA A 399 3.44 -7.82 17.20
N PHE A 400 3.00 -8.40 18.33
CA PHE A 400 1.76 -7.92 18.94
C PHE A 400 1.93 -6.53 19.52
N ASP A 401 3.08 -6.24 20.13
CA ASP A 401 3.28 -4.90 20.67
C ASP A 401 3.20 -3.85 19.57
N ILE A 402 3.71 -4.17 18.38
CA ILE A 402 3.66 -3.22 17.26
C ILE A 402 2.26 -3.17 16.67
N MET A 403 1.68 -4.32 16.38
CA MET A 403 0.43 -4.39 15.63
C MET A 403 -0.78 -4.04 16.48
N ARG A 404 -0.73 -4.19 17.80
CA ARG A 404 -1.80 -3.62 18.61
C ARG A 404 -1.92 -2.11 18.37
N VAL A 405 -0.81 -1.45 18.04
CA VAL A 405 -0.83 -0.03 17.72
C VAL A 405 -1.19 0.21 16.26
N THR A 406 -0.56 -0.52 15.34
CA THR A 406 -0.68 -0.22 13.91
C THR A 406 -1.88 -0.86 13.26
N HIS A 407 -2.36 -2.00 13.78
CA HIS A 407 -3.47 -2.74 13.21
C HIS A 407 -4.70 -2.66 14.09
N GLY A 408 -4.56 -3.00 15.37
CA GLY A 408 -5.66 -2.88 16.32
C GLY A 408 -6.68 -4.00 16.20
N ARG A 409 -7.61 -4.00 17.16
CA ARG A 409 -8.58 -5.08 17.28
C ARG A 409 -9.54 -5.13 16.09
N GLU A 410 -9.73 -4.02 15.39
CA GLU A 410 -10.62 -3.94 14.24
C GLU A 410 -10.04 -4.60 12.99
N HIS A 411 -8.77 -4.97 13.01
CA HIS A 411 -8.11 -5.62 11.88
C HIS A 411 -8.07 -7.12 12.10
N SER A 412 -8.50 -7.88 11.08
CA SER A 412 -8.58 -9.34 11.24
C SER A 412 -7.23 -10.02 11.49
N LEU A 413 -6.11 -9.36 11.16
CA LEU A 413 -4.82 -10.02 11.34
C LEU A 413 -4.41 -10.14 12.81
N ILE A 414 -4.80 -9.18 13.66
CA ILE A 414 -4.72 -9.36 15.12
C ILE A 414 -5.37 -10.66 15.58
N GLU A 415 -6.56 -10.97 15.09
CA GLU A 415 -7.16 -12.23 15.52
C GLU A 415 -6.26 -13.40 15.17
N ASP A 416 -5.67 -13.39 13.96
CA ASP A 416 -4.74 -14.44 13.55
C ASP A 416 -3.50 -14.46 14.42
N LEU A 417 -3.01 -13.28 14.80
CA LEU A 417 -1.79 -13.22 15.61
C LEU A 417 -2.07 -13.70 17.02
N ILE A 418 -3.24 -13.36 17.57
CA ILE A 418 -3.61 -13.84 18.89
C ILE A 418 -3.66 -15.37 18.91
N LEU A 419 -4.07 -15.98 17.79
CA LEU A 419 -4.08 -17.43 17.70
C LEU A 419 -2.67 -18.00 17.72
N LEU A 420 -1.73 -17.37 17.04
CA LEU A 420 -0.35 -17.85 17.12
C LEU A 420 0.23 -17.64 18.50
N LEU A 421 -0.19 -16.59 19.21
CA LEU A 421 0.33 -16.34 20.54
C LEU A 421 -0.22 -17.37 21.52
N GLU A 422 -1.52 -17.62 21.46
CA GLU A 422 -2.13 -18.66 22.29
C GLU A 422 -1.50 -20.03 22.02
N GLU A 423 -1.30 -20.36 20.74
CA GLU A 423 -0.71 -21.63 20.37
C GLU A 423 0.71 -21.76 20.90
N CYS A 424 1.58 -20.84 20.50
CA CYS A 424 2.97 -20.87 20.96
C CYS A 424 3.07 -20.86 22.49
N ASP A 425 2.13 -20.19 23.17
CA ASP A 425 2.17 -20.12 24.62
C ASP A 425 1.80 -21.44 25.27
N ALA A 426 0.81 -22.14 24.69
CA ALA A 426 0.48 -23.47 25.20
C ALA A 426 1.67 -24.40 25.11
N ASN A 427 2.55 -24.21 24.12
CA ASN A 427 3.71 -25.09 23.97
C ASN A 427 4.77 -24.81 25.03
N ILE A 428 4.98 -23.54 25.39
CA ILE A 428 5.94 -23.23 26.44
C ILE A 428 5.43 -23.71 27.80
N ARG A 429 4.13 -23.59 28.05
CA ARG A 429 3.57 -24.03 29.32
C ARG A 429 3.44 -25.54 29.41
N ALA A 430 3.48 -26.25 28.27
CA ALA A 430 3.50 -27.71 28.25
C ALA A 430 4.84 -28.28 28.67
N SER A 431 5.65 -27.51 29.38
CA SER A 431 6.92 -27.98 29.90
C SER A 431 7.00 -27.75 31.40
#